data_6S9A
#
_entry.id   6S9A
#
_cell.length_a   70.693
_cell.length_b   69.546
_cell.length_c   74.277
_cell.angle_alpha   90.000
_cell.angle_beta   113.150
_cell.angle_gamma   90.000
#
_symmetry.space_group_name_H-M   'P 1 21 1'
#
loop_
_entity.id
_entity.type
_entity.pdbx_description
1 polymer Dynamin-1,Dynamin-1
2 non-polymer 'ZINC ION'
3 non-polymer 'CHLORIDE ION'
4 water water
#
_entity_poly.entity_id   1
_entity_poly.type   'polypeptide(L)'
_entity_poly.pdbx_seq_one_letter_code
;GAMEDLIPLVNRLQDAFSAIGQNADLDLPQIAVVGGQSAGKSSVLENFVGRDFLPRGSGIVTRRPLVLQLVNATTEYAEF
LHSKGKKFTDFEEVRLEIEAETDRVTGTNKGISPVPINLRVYSPHVLNLTLVDLPGMTHVPVGDQPPDIEFQIRDMLMQF
VTKENCLILAVSPANSDLAHSDALKVAKEVDPQGQRTIGVITKLDLMDEGTDARDVLENKLLPLRRGYIGVVNRSQKDID
GKKDITAALAAERKFFLSHPSYRHLADRMGTPYLQKVLNQQLTNHIRDTLPGLRNKLQSQLLSIEKEVEEYKNFRPDDPN
TLMEESAEQAQRRDEMLRMYHALKEALSIIGDIN
;
_entity_poly.pdbx_strand_id   A,B
#
# COMPACT_ATOMS: atom_id res chain seq x y z
N MET A 3 -26.37 -27.00 -17.13
CA MET A 3 -26.49 -25.61 -17.70
C MET A 3 -25.15 -24.97 -18.06
N GLU A 4 -24.58 -25.50 -19.15
CA GLU A 4 -23.49 -24.81 -19.88
C GLU A 4 -23.95 -23.52 -20.61
N ASP A 5 -25.26 -23.34 -20.81
CA ASP A 5 -25.85 -22.16 -21.45
C ASP A 5 -26.07 -20.94 -20.55
N LEU A 6 -25.94 -21.03 -19.22
CA LEU A 6 -26.25 -19.87 -18.33
C LEU A 6 -25.32 -18.66 -18.49
N ILE A 7 -24.02 -18.90 -18.52
CA ILE A 7 -23.01 -17.83 -18.75
C ILE A 7 -23.16 -17.24 -20.17
N PRO A 8 -23.26 -18.09 -21.23
CA PRO A 8 -23.65 -17.62 -22.56
C PRO A 8 -24.96 -16.83 -22.62
N LEU A 9 -25.98 -17.25 -21.87
CA LEU A 9 -27.27 -16.52 -21.81
C LEU A 9 -27.06 -15.09 -21.35
N VAL A 10 -26.33 -14.94 -20.25
CA VAL A 10 -26.02 -13.63 -19.69
C VAL A 10 -25.09 -12.80 -20.62
N ASN A 11 -24.17 -13.45 -21.34
CA ASN A 11 -23.38 -12.77 -22.40
C ASN A 11 -24.25 -12.10 -23.47
N ARG A 12 -25.30 -12.78 -23.89
CA ARG A 12 -26.29 -12.21 -24.80
C ARG A 12 -27.07 -11.04 -24.19
N LEU A 13 -27.41 -11.12 -22.91
CA LEU A 13 -28.00 -9.98 -22.16
C LEU A 13 -27.04 -8.79 -22.12
N GLN A 14 -25.78 -9.05 -21.83
CA GLN A 14 -24.72 -8.02 -21.83
C GLN A 14 -24.56 -7.34 -23.20
N ASP A 15 -24.58 -8.12 -24.27
CA ASP A 15 -24.51 -7.60 -25.65
C ASP A 15 -25.71 -6.74 -26.03
N ALA A 16 -26.91 -7.17 -25.63
CA ALA A 16 -28.15 -6.42 -25.87
C ALA A 16 -28.11 -5.04 -25.23
N PHE A 17 -27.66 -4.98 -23.97
CA PHE A 17 -27.54 -3.70 -23.26
C PHE A 17 -26.32 -2.87 -23.65
N SER A 18 -25.19 -3.53 -23.96
CA SER A 18 -23.99 -2.83 -24.44
C SER A 18 -24.17 -2.18 -25.84
N ALA A 19 -25.01 -2.78 -26.68
CA ALA A 19 -25.41 -2.17 -27.96
C ALA A 19 -26.03 -0.76 -27.84
N ILE A 20 -26.67 -0.48 -26.70
CA ILE A 20 -27.23 0.84 -26.36
C ILE A 20 -26.42 1.64 -25.30
N GLY A 21 -25.17 1.23 -25.06
CA GLY A 21 -24.31 1.82 -24.05
C GLY A 21 -24.73 1.69 -22.59
N GLN A 22 -25.34 0.56 -22.25
CA GLN A 22 -25.84 0.29 -20.88
C GLN A 22 -25.24 -0.99 -20.31
N ASN A 23 -25.13 -1.04 -18.99
CA ASN A 23 -24.80 -2.27 -18.26
C ASN A 23 -25.17 -2.12 -16.78
N ALA A 24 -24.50 -1.18 -16.11
CA ALA A 24 -24.51 -1.03 -14.65
C ALA A 24 -25.89 -0.87 -14.03
N ASP A 25 -26.72 -0.03 -14.65
CA ASP A 25 -28.09 0.25 -14.13
C ASP A 25 -29.07 -0.94 -14.15
N LEU A 26 -28.76 -2.00 -14.91
CA LEU A 26 -29.64 -3.15 -15.08
C LEU A 26 -29.45 -4.30 -14.07
N ASP A 27 -28.39 -4.23 -13.24
CA ASP A 27 -28.18 -5.19 -12.14
C ASP A 27 -28.06 -6.64 -12.65
N LEU A 28 -27.26 -6.83 -13.70
CA LEU A 28 -27.05 -8.15 -14.29
C LEU A 28 -26.18 -9.02 -13.36
N PRO A 29 -26.35 -10.37 -13.40
CA PRO A 29 -25.47 -11.24 -12.63
C PRO A 29 -24.12 -11.38 -13.31
N GLN A 30 -23.09 -10.82 -12.69
CA GLN A 30 -21.76 -10.76 -13.28
C GLN A 30 -20.69 -10.52 -12.21
N ILE A 31 -19.44 -10.79 -12.60
CA ILE A 31 -18.27 -10.62 -11.75
C ILE A 31 -17.58 -9.35 -12.20
N ALA A 32 -17.48 -8.36 -11.30
CA ALA A 32 -16.68 -7.18 -11.54
C ALA A 32 -15.30 -7.32 -10.92
N VAL A 33 -14.27 -7.05 -11.72
CA VAL A 33 -12.89 -7.21 -11.29
C VAL A 33 -12.37 -5.85 -10.80
N VAL A 34 -11.99 -5.81 -9.51
CA VAL A 34 -11.61 -4.56 -8.84
C VAL A 34 -10.17 -4.70 -8.31
N GLY A 35 -9.40 -3.64 -8.49
CA GLY A 35 -8.00 -3.61 -8.08
C GLY A 35 -7.37 -2.23 -8.18
N GLY A 36 -6.43 -1.95 -7.29
CA GLY A 36 -5.51 -0.84 -7.43
C GLY A 36 -4.61 -1.07 -8.63
N GLN A 37 -4.08 0.01 -9.19
CA GLN A 37 -3.25 -0.04 -10.40
C GLN A 37 -2.04 -0.98 -10.33
N SER A 38 -1.48 -1.15 -9.13
CA SER A 38 -0.36 -2.08 -8.88
C SER A 38 -0.75 -3.37 -8.13
N ALA A 39 -2.00 -3.80 -8.23
CA ALA A 39 -2.48 -5.04 -7.57
C ALA A 39 -2.23 -6.32 -8.39
N GLY A 40 -1.92 -6.19 -9.68
CA GLY A 40 -1.71 -7.36 -10.57
C GLY A 40 -2.97 -7.92 -11.25
N LYS A 41 -4.00 -7.08 -11.36
CA LYS A 41 -5.29 -7.41 -11.99
C LYS A 41 -5.16 -7.81 -13.47
N SER A 42 -4.39 -7.02 -14.22
CA SER A 42 -4.17 -7.27 -15.66
C SER A 42 -3.58 -8.65 -15.95
N SER A 43 -2.54 -9.03 -15.18
CA SER A 43 -1.90 -10.35 -15.30
C SER A 43 -2.84 -11.53 -15.02
N VAL A 44 -3.78 -11.35 -14.07
CA VAL A 44 -4.80 -12.38 -13.75
C VAL A 44 -5.68 -12.66 -14.99
N LEU A 45 -6.17 -11.60 -15.61
CA LEU A 45 -7.01 -11.70 -16.79
C LEU A 45 -6.28 -12.21 -18.03
N GLU A 46 -5.06 -11.73 -18.25
CA GLU A 46 -4.21 -12.21 -19.35
C GLU A 46 -3.79 -13.69 -19.21
N ASN A 47 -3.64 -14.18 -17.99
CA ASN A 47 -3.39 -15.60 -17.73
C ASN A 47 -4.63 -16.50 -17.99
N PHE A 48 -5.85 -15.97 -17.84
CA PHE A 48 -7.08 -16.68 -18.27
C PHE A 48 -7.12 -16.84 -19.78
N VAL A 49 -6.93 -15.72 -20.50
CA VAL A 49 -6.90 -15.69 -21.98
C VAL A 49 -5.68 -16.46 -22.53
N GLY A 50 -4.55 -16.42 -21.82
CA GLY A 50 -3.30 -17.02 -22.29
C GLY A 50 -2.54 -16.25 -23.35
N ARG A 51 -2.88 -14.97 -23.53
CA ARG A 51 -2.18 -14.04 -24.44
C ARG A 51 -2.21 -12.64 -23.80
N ASP A 52 -1.19 -11.83 -24.08
CA ASP A 52 -1.13 -10.44 -23.61
C ASP A 52 -2.02 -9.59 -24.53
N PHE A 53 -3.02 -8.92 -23.96
CA PHE A 53 -3.95 -8.08 -24.74
C PHE A 53 -4.43 -6.75 -24.14
N LEU A 54 -4.09 -6.44 -22.87
CA LEU A 54 -4.56 -5.22 -22.22
C LEU A 54 -3.58 -4.08 -22.53
N PRO A 55 -4.05 -2.80 -22.48
CA PRO A 55 -3.11 -1.68 -22.66
C PRO A 55 -2.00 -1.59 -21.60
N THR A 62 -6.87 1.24 -18.76
CA THR A 62 -8.17 1.37 -19.40
C THR A 62 -9.00 2.47 -18.73
N ARG A 63 -9.89 3.06 -19.51
CA ARG A 63 -10.79 4.13 -19.04
C ARG A 63 -12.30 3.82 -19.16
N ARG A 64 -12.64 2.59 -19.60
CA ARG A 64 -14.02 2.08 -19.68
C ARG A 64 -14.06 0.62 -19.19
N PRO A 65 -15.27 0.13 -18.77
CA PRO A 65 -15.39 -1.29 -18.41
C PRO A 65 -15.17 -2.22 -19.59
N LEU A 66 -14.45 -3.31 -19.37
CA LEU A 66 -14.24 -4.33 -20.39
C LEU A 66 -15.05 -5.57 -19.97
N VAL A 67 -16.14 -5.85 -20.67
CA VAL A 67 -16.95 -7.07 -20.47
C VAL A 67 -16.25 -8.19 -21.24
N LEU A 68 -15.38 -8.91 -20.54
CA LEU A 68 -14.54 -9.97 -21.11
C LEU A 68 -15.28 -11.29 -21.03
N GLN A 69 -15.83 -11.74 -22.16
CA GLN A 69 -16.63 -12.95 -22.26
C GLN A 69 -15.78 -14.09 -22.82
N LEU A 70 -15.24 -14.92 -21.95
CA LEU A 70 -14.48 -16.12 -22.35
C LEU A 70 -15.47 -17.24 -22.64
N VAL A 71 -15.40 -17.79 -23.85
CA VAL A 71 -16.31 -18.87 -24.31
C VAL A 71 -15.46 -20.06 -24.69
N ASN A 72 -15.77 -21.23 -24.12
CA ASN A 72 -15.17 -22.50 -24.54
C ASN A 72 -15.64 -22.81 -25.97
N ALA A 73 -14.68 -23.17 -26.82
CA ALA A 73 -14.94 -23.44 -28.24
C ALA A 73 -13.80 -24.21 -28.88
N THR A 74 -14.09 -24.86 -30.00
CA THR A 74 -13.08 -25.57 -30.78
C THR A 74 -12.13 -24.61 -31.51
N THR A 75 -12.65 -23.49 -32.03
CA THR A 75 -11.86 -22.46 -32.74
C THR A 75 -11.45 -21.29 -31.84
N GLU A 76 -10.44 -20.54 -32.28
CA GLU A 76 -9.74 -19.53 -31.48
C GLU A 76 -9.73 -18.16 -32.17
N TYR A 77 -10.54 -17.24 -31.64
CA TYR A 77 -10.58 -15.85 -32.12
C TYR A 77 -11.27 -14.96 -31.08
N ALA A 78 -11.16 -13.66 -31.31
CA ALA A 78 -11.86 -12.65 -30.52
C ALA A 78 -12.81 -11.82 -31.39
N GLU A 79 -13.88 -11.33 -30.77
CA GLU A 79 -14.95 -10.56 -31.43
C GLU A 79 -15.45 -9.45 -30.52
N PHE A 80 -15.32 -8.20 -30.97
CA PHE A 80 -15.94 -7.05 -30.30
C PHE A 80 -17.39 -6.87 -30.77
N LEU A 81 -18.28 -6.55 -29.83
CA LEU A 81 -19.69 -6.24 -30.13
C LEU A 81 -19.82 -5.04 -31.09
N HIS A 82 -19.06 -3.99 -30.83
CA HIS A 82 -19.15 -2.73 -31.60
C HIS A 82 -18.71 -2.81 -33.08
N SER A 83 -17.89 -3.81 -33.42
CA SER A 83 -17.54 -4.17 -34.81
C SER A 83 -17.93 -5.64 -35.07
N LYS A 84 -19.24 -5.87 -35.16
CA LYS A 84 -19.87 -7.18 -34.93
C LYS A 84 -19.34 -8.36 -35.77
N GLY A 85 -18.99 -8.11 -37.03
CA GLY A 85 -18.54 -9.16 -37.97
C GLY A 85 -17.07 -9.58 -37.92
N LYS A 86 -16.19 -8.63 -37.59
CA LYS A 86 -14.73 -8.80 -37.69
C LYS A 86 -14.16 -9.78 -36.64
N LYS A 87 -13.65 -10.91 -37.13
CA LYS A 87 -12.91 -11.89 -36.32
C LYS A 87 -11.47 -11.41 -36.13
N PHE A 88 -10.99 -11.44 -34.88
CA PHE A 88 -9.63 -11.01 -34.50
C PHE A 88 -8.82 -12.24 -34.13
N THR A 89 -7.71 -12.43 -34.85
CA THR A 89 -6.68 -13.41 -34.51
C THR A 89 -5.49 -12.78 -33.78
N ASP A 90 -5.10 -11.55 -34.17
CA ASP A 90 -3.96 -10.84 -33.57
C ASP A 90 -4.39 -10.08 -32.32
N PHE A 91 -3.99 -10.58 -31.14
CA PHE A 91 -4.29 -9.91 -29.86
C PHE A 91 -3.50 -8.60 -29.61
N GLU A 92 -2.48 -8.31 -30.43
CA GLU A 92 -1.86 -6.98 -30.49
C GLU A 92 -2.84 -5.92 -31.05
N GLU A 93 -3.61 -6.28 -32.10
CA GLU A 93 -4.65 -5.37 -32.61
C GLU A 93 -5.91 -5.33 -31.72
N VAL A 94 -6.14 -6.39 -30.93
CA VAL A 94 -7.16 -6.36 -29.84
C VAL A 94 -6.83 -5.27 -28.80
N ARG A 95 -5.56 -5.21 -28.38
CA ARG A 95 -5.05 -4.14 -27.51
C ARG A 95 -5.26 -2.74 -28.11
N LEU A 96 -4.89 -2.58 -29.39
CA LEU A 96 -5.10 -1.31 -30.13
C LEU A 96 -6.59 -0.92 -30.25
N GLU A 97 -7.45 -1.90 -30.49
CA GLU A 97 -8.90 -1.69 -30.59
C GLU A 97 -9.56 -1.26 -29.27
N ILE A 98 -9.08 -1.84 -28.15
CA ILE A 98 -9.52 -1.43 -26.81
C ILE A 98 -9.23 0.05 -26.57
N GLU A 99 -8.00 0.46 -26.85
CA GLU A 99 -7.58 1.88 -26.82
C GLU A 99 -8.38 2.78 -27.76
N ALA A 100 -8.62 2.28 -28.98
CA ALA A 100 -9.35 3.02 -30.03
C ALA A 100 -10.82 3.26 -29.68
N GLU A 101 -11.50 2.18 -29.29
CA GLU A 101 -12.89 2.24 -28.82
C GLU A 101 -13.06 3.06 -27.53
N THR A 102 -12.06 3.06 -26.66
CA THR A 102 -12.03 3.89 -25.45
C THR A 102 -12.03 5.39 -25.78
N ASP A 103 -11.13 5.79 -26.68
CA ASP A 103 -11.09 7.19 -27.18
C ASP A 103 -12.34 7.62 -27.94
N ARG A 104 -13.05 6.67 -28.58
CA ARG A 104 -14.47 6.85 -28.97
C ARG A 104 -15.35 7.05 -27.73
N GLY A 111 -11.30 11.37 -19.80
CA GLY A 111 -11.76 11.01 -18.45
C GLY A 111 -12.14 9.55 -18.34
N ILE A 112 -13.25 9.27 -17.66
CA ILE A 112 -13.77 7.90 -17.41
C ILE A 112 -15.24 7.85 -17.86
N SER A 113 -15.65 6.68 -18.40
CA SER A 113 -17.04 6.43 -18.84
C SER A 113 -17.51 5.05 -18.37
N PRO A 114 -18.78 4.91 -17.92
CA PRO A 114 -19.34 3.59 -17.59
C PRO A 114 -19.83 2.76 -18.80
N VAL A 115 -19.72 3.30 -20.02
CA VAL A 115 -20.20 2.60 -21.22
C VAL A 115 -19.26 1.40 -21.52
N PRO A 116 -19.79 0.16 -21.49
CA PRO A 116 -18.91 -1.03 -21.60
C PRO A 116 -18.35 -1.28 -23.00
N ILE A 117 -17.18 -1.93 -23.05
CA ILE A 117 -16.63 -2.51 -24.28
C ILE A 117 -16.79 -4.02 -24.11
N ASN A 118 -17.50 -4.67 -25.03
CA ASN A 118 -17.75 -6.12 -24.96
C ASN A 118 -16.78 -6.85 -25.87
N LEU A 119 -16.00 -7.76 -25.30
CA LEU A 119 -14.96 -8.52 -25.99
C LEU A 119 -15.20 -10.01 -25.74
N ARG A 120 -15.65 -10.71 -26.77
CA ARG A 120 -15.94 -12.15 -26.72
C ARG A 120 -14.69 -12.87 -27.22
N VAL A 121 -14.05 -13.69 -26.37
CA VAL A 121 -12.90 -14.54 -26.74
C VAL A 121 -13.36 -16.01 -26.80
N TYR A 122 -13.31 -16.60 -27.99
CA TYR A 122 -13.53 -18.05 -28.19
C TYR A 122 -12.17 -18.77 -28.17
N SER A 123 -12.07 -19.88 -27.42
CA SER A 123 -10.81 -20.65 -27.29
C SER A 123 -11.08 -22.00 -26.58
N PRO A 124 -10.35 -23.08 -26.94
CA PRO A 124 -10.45 -24.33 -26.14
C PRO A 124 -9.62 -24.32 -24.85
N HIS A 125 -8.70 -23.36 -24.70
CA HIS A 125 -7.92 -23.16 -23.46
C HIS A 125 -8.67 -22.49 -22.32
N VAL A 126 -9.78 -21.83 -22.64
CA VAL A 126 -10.63 -21.14 -21.64
C VAL A 126 -11.88 -21.95 -21.28
N LEU A 127 -12.38 -21.69 -20.06
CA LEU A 127 -13.71 -22.12 -19.62
C LEU A 127 -14.72 -21.03 -19.95
N ASN A 128 -15.99 -21.42 -19.91
CA ASN A 128 -17.10 -20.45 -19.89
C ASN A 128 -16.97 -19.57 -18.64
N LEU A 129 -16.56 -18.33 -18.86
CA LEU A 129 -16.42 -17.35 -17.79
C LEU A 129 -16.51 -15.94 -18.35
N THR A 130 -17.23 -15.07 -17.66
CA THR A 130 -17.32 -13.67 -17.99
C THR A 130 -16.91 -12.84 -16.78
N LEU A 131 -16.06 -11.83 -17.07
CA LEU A 131 -15.57 -10.89 -16.08
C LEU A 131 -15.73 -9.49 -16.66
N VAL A 132 -16.23 -8.57 -15.84
CA VAL A 132 -16.31 -7.15 -16.18
C VAL A 132 -15.09 -6.51 -15.52
N ASP A 133 -14.03 -6.33 -16.30
CA ASP A 133 -12.81 -5.68 -15.82
C ASP A 133 -13.06 -4.17 -15.76
N LEU A 134 -12.85 -3.57 -14.58
CA LEU A 134 -13.00 -2.13 -14.38
C LEU A 134 -11.62 -1.48 -14.23
N PRO A 135 -11.47 -0.18 -14.61
CA PRO A 135 -10.17 0.50 -14.52
C PRO A 135 -9.48 0.40 -13.17
N GLY A 136 -8.17 0.16 -13.20
CA GLY A 136 -7.32 0.15 -12.02
C GLY A 136 -7.42 1.46 -11.26
N MET A 137 -7.53 1.37 -9.94
CA MET A 137 -7.61 2.55 -9.08
C MET A 137 -6.24 3.21 -8.95
N THR A 138 -6.22 4.53 -9.12
CA THR A 138 -5.01 5.35 -8.99
C THR A 138 -5.29 6.54 -8.09
N HIS A 139 -4.23 7.23 -7.70
CA HIS A 139 -4.30 8.35 -6.74
C HIS A 139 -3.69 9.67 -7.22
N VAL A 140 -2.65 9.63 -8.06
CA VAL A 140 -1.98 10.82 -8.59
C VAL A 140 -2.30 10.91 -10.10
N PRO A 141 -2.74 12.09 -10.61
CA PRO A 141 -2.88 12.26 -12.06
C PRO A 141 -1.53 12.15 -12.81
N VAL A 142 -1.52 11.44 -13.93
CA VAL A 142 -0.36 11.38 -14.85
C VAL A 142 -0.84 11.67 -16.28
N GLY A 143 0.02 12.29 -17.09
CA GLY A 143 -0.30 12.62 -18.48
C GLY A 143 -1.30 13.75 -18.55
N ASP A 144 -2.38 13.57 -19.34
CA ASP A 144 -3.48 14.54 -19.46
C ASP A 144 -4.74 14.18 -18.62
N GLN A 145 -4.57 13.32 -17.61
CA GLN A 145 -5.66 12.97 -16.69
C GLN A 145 -5.99 14.16 -15.79
N PRO A 146 -7.29 14.37 -15.45
CA PRO A 146 -7.66 15.52 -14.62
C PRO A 146 -7.23 15.34 -13.14
N PRO A 147 -7.22 16.44 -12.34
CA PRO A 147 -6.88 16.38 -10.90
C PRO A 147 -7.69 15.36 -10.07
N ASP A 148 -8.97 15.16 -10.42
CA ASP A 148 -9.88 14.24 -9.71
C ASP A 148 -9.99 12.83 -10.35
N ILE A 149 -8.96 12.38 -11.09
CA ILE A 149 -8.97 11.03 -11.71
C ILE A 149 -9.24 9.90 -10.71
N GLU A 150 -8.65 10.00 -9.50
CA GLU A 150 -8.91 9.06 -8.39
C GLU A 150 -10.42 8.89 -8.12
N PHE A 151 -11.08 10.03 -7.97
CA PHE A 151 -12.52 10.09 -7.73
C PHE A 151 -13.34 9.58 -8.92
N GLN A 152 -12.99 10.01 -10.13
CA GLN A 152 -13.69 9.55 -11.36
C GLN A 152 -13.70 8.02 -11.54
N ILE A 153 -12.55 7.40 -11.27
CA ILE A 153 -12.42 5.94 -11.38
C ILE A 153 -13.23 5.26 -10.27
N ARG A 154 -13.01 5.68 -9.03
CA ARG A 154 -13.70 5.09 -7.88
C ARG A 154 -15.22 5.22 -7.96
N ASP A 155 -15.70 6.38 -8.39
CA ASP A 155 -17.14 6.64 -8.59
C ASP A 155 -17.75 5.76 -9.69
N MET A 156 -17.03 5.59 -10.80
CA MET A 156 -17.46 4.71 -11.88
C MET A 156 -17.50 3.23 -11.44
N LEU A 157 -16.46 2.79 -10.72
CA LEU A 157 -16.44 1.43 -10.10
C LEU A 157 -17.69 1.17 -9.23
N MET A 158 -17.99 2.14 -8.37
CA MET A 158 -19.19 2.10 -7.50
C MET A 158 -20.53 1.89 -8.22
N GLN A 159 -20.69 2.47 -9.42
CA GLN A 159 -21.90 2.23 -10.23
C GLN A 159 -22.13 0.75 -10.55
N PHE A 160 -21.04 0.00 -10.74
CA PHE A 160 -21.10 -1.46 -10.91
C PHE A 160 -21.27 -2.22 -9.61
N VAL A 161 -20.34 -2.01 -8.68
CA VAL A 161 -20.21 -2.87 -7.48
C VAL A 161 -21.22 -2.63 -6.34
N THR A 162 -21.94 -1.50 -6.37
CA THR A 162 -23.08 -1.28 -5.47
C THR A 162 -24.31 -2.14 -5.80
N LYS A 163 -24.40 -2.65 -7.03
CA LYS A 163 -25.56 -3.43 -7.49
C LYS A 163 -25.50 -4.85 -6.88
N GLU A 164 -26.63 -5.34 -6.38
CA GLU A 164 -26.69 -6.56 -5.56
C GLU A 164 -26.27 -7.85 -6.28
N ASN A 165 -26.56 -7.94 -7.57
CA ASN A 165 -26.16 -9.09 -8.40
C ASN A 165 -24.71 -9.05 -8.90
N CYS A 166 -23.96 -7.99 -8.61
CA CYS A 166 -22.55 -7.92 -8.94
C CYS A 166 -21.71 -8.67 -7.89
N LEU A 167 -21.04 -9.75 -8.31
CA LEU A 167 -19.98 -10.37 -7.52
C LEU A 167 -18.72 -9.54 -7.70
N ILE A 168 -17.95 -9.37 -6.62
CA ILE A 168 -16.74 -8.54 -6.63
C ILE A 168 -15.54 -9.47 -6.60
N LEU A 169 -14.74 -9.47 -7.67
CA LEU A 169 -13.44 -10.12 -7.65
C LEU A 169 -12.40 -9.11 -7.15
N ALA A 170 -12.11 -9.15 -5.84
CA ALA A 170 -11.23 -8.20 -5.19
C ALA A 170 -9.78 -8.63 -5.28
N VAL A 171 -8.99 -7.95 -6.11
CA VAL A 171 -7.58 -8.32 -6.36
C VAL A 171 -6.69 -7.48 -5.45
N SER A 172 -5.90 -8.15 -4.59
CA SER A 172 -4.99 -7.50 -3.64
C SER A 172 -3.60 -8.13 -3.69
N PRO A 173 -2.52 -7.31 -3.62
CA PRO A 173 -1.17 -7.86 -3.57
C PRO A 173 -0.82 -8.39 -2.18
N ALA A 174 -0.21 -9.58 -2.14
CA ALA A 174 0.28 -10.22 -0.89
C ALA A 174 1.43 -9.48 -0.22
N ASN A 175 2.26 -8.83 -1.04
CA ASN A 175 3.50 -8.16 -0.60
C ASN A 175 3.32 -6.69 -0.17
N SER A 176 2.10 -6.35 0.26
CA SER A 176 1.80 -5.10 0.95
C SER A 176 0.76 -5.38 2.05
N ASP A 177 0.65 -4.48 3.01
CA ASP A 177 -0.38 -4.53 4.07
C ASP A 177 -1.76 -4.67 3.40
N LEU A 178 -2.54 -5.66 3.84
CA LEU A 178 -3.88 -5.90 3.31
C LEU A 178 -4.84 -4.73 3.57
N ALA A 179 -4.62 -3.98 4.66
CA ALA A 179 -5.34 -2.71 4.92
C ALA A 179 -5.17 -1.64 3.80
N HIS A 180 -4.08 -1.69 3.05
CA HIS A 180 -3.85 -0.79 1.89
C HIS A 180 -4.57 -1.20 0.61
N SER A 181 -5.18 -2.40 0.55
CA SER A 181 -5.83 -2.85 -0.68
C SER A 181 -6.95 -1.93 -1.12
N ASP A 182 -6.82 -1.34 -2.32
CA ASP A 182 -7.90 -0.54 -2.88
C ASP A 182 -9.17 -1.39 -3.11
N ALA A 183 -8.99 -2.63 -3.58
CA ALA A 183 -10.09 -3.55 -3.85
C ALA A 183 -10.91 -3.86 -2.60
N LEU A 184 -10.22 -4.21 -1.52
CA LEU A 184 -10.91 -4.54 -0.27
C LEU A 184 -11.53 -3.34 0.45
N LYS A 185 -10.95 -2.16 0.33
CA LYS A 185 -11.60 -0.90 0.78
C LYS A 185 -12.93 -0.67 0.06
N VAL A 186 -12.95 -0.85 -1.27
CA VAL A 186 -14.19 -0.81 -2.06
C VAL A 186 -15.18 -1.90 -1.61
N ALA A 187 -14.70 -3.15 -1.51
CA ALA A 187 -15.55 -4.30 -1.18
C ALA A 187 -16.16 -4.20 0.22
N LYS A 188 -15.37 -3.73 1.18
CA LYS A 188 -15.84 -3.48 2.56
C LYS A 188 -16.95 -2.42 2.62
N GLU A 189 -16.82 -1.37 1.81
CA GLU A 189 -17.84 -0.30 1.70
C GLU A 189 -19.21 -0.80 1.20
N VAL A 190 -19.19 -1.51 0.08
CA VAL A 190 -20.44 -2.00 -0.57
C VAL A 190 -20.94 -3.36 -0.07
N ASP A 191 -20.03 -4.16 0.51
CA ASP A 191 -20.34 -5.53 0.94
C ASP A 191 -19.62 -5.81 2.28
N PRO A 192 -19.98 -5.05 3.35
CA PRO A 192 -19.28 -5.19 4.65
C PRO A 192 -19.34 -6.58 5.30
N GLN A 193 -20.37 -7.38 5.01
CA GLN A 193 -20.49 -8.78 5.48
C GLN A 193 -19.66 -9.81 4.66
N GLY A 194 -19.09 -9.41 3.53
CA GLY A 194 -18.29 -10.32 2.68
C GLY A 194 -19.05 -11.47 2.05
N GLN A 195 -20.29 -11.20 1.63
CA GLN A 195 -21.19 -12.21 1.03
C GLN A 195 -21.07 -12.38 -0.48
N ARG A 196 -20.61 -11.34 -1.20
CA ARG A 196 -20.46 -11.36 -2.65
C ARG A 196 -19.08 -10.85 -3.12
N THR A 197 -18.04 -11.10 -2.30
CA THR A 197 -16.65 -10.70 -2.57
C THR A 197 -15.77 -11.95 -2.60
N ILE A 198 -15.03 -12.12 -3.69
CA ILE A 198 -14.11 -13.25 -3.89
C ILE A 198 -12.72 -12.62 -3.87
N GLY A 199 -11.87 -13.09 -2.96
CA GLY A 199 -10.51 -12.56 -2.81
C GLY A 199 -9.51 -13.23 -3.74
N VAL A 200 -8.74 -12.42 -4.47
CA VAL A 200 -7.58 -12.91 -5.23
C VAL A 200 -6.35 -12.23 -4.63
N ILE A 201 -5.37 -13.06 -4.25
CA ILE A 201 -4.12 -12.62 -3.63
C ILE A 201 -3.02 -12.87 -4.67
N THR A 202 -2.39 -11.79 -5.13
CA THR A 202 -1.34 -11.84 -6.13
C THR A 202 0.04 -11.66 -5.49
N LYS A 203 1.07 -11.85 -6.30
CA LYS A 203 2.46 -11.50 -5.96
C LYS A 203 3.02 -12.22 -4.72
N LEU A 204 2.58 -13.47 -4.51
CA LEU A 204 3.07 -14.30 -3.40
C LEU A 204 4.55 -14.66 -3.51
N ASP A 205 5.07 -14.74 -4.74
CA ASP A 205 6.52 -14.89 -4.98
C ASP A 205 7.40 -13.65 -4.69
N LEU A 206 6.80 -12.48 -4.43
CA LEU A 206 7.53 -11.22 -4.17
C LEU A 206 7.30 -10.66 -2.75
N MET A 207 7.02 -11.54 -1.79
CA MET A 207 6.93 -11.19 -0.36
C MET A 207 8.32 -11.14 0.24
N ASP A 208 8.44 -10.49 1.40
CA ASP A 208 9.70 -10.42 2.15
C ASP A 208 10.10 -11.81 2.63
N GLU A 209 11.42 -12.01 2.77
CA GLU A 209 12.00 -13.26 3.28
C GLU A 209 11.55 -13.48 4.73
N GLY A 210 11.15 -14.71 5.04
CA GLY A 210 10.57 -15.05 6.34
C GLY A 210 9.17 -14.54 6.64
N THR A 211 8.43 -14.10 5.60
CA THR A 211 6.99 -13.78 5.71
C THR A 211 6.19 -14.66 4.76
N ASP A 212 4.88 -14.72 5.01
CA ASP A 212 3.93 -15.43 4.16
C ASP A 212 2.51 -14.92 4.38
N ALA A 213 1.62 -15.26 3.46
CA ALA A 213 0.20 -14.87 3.50
C ALA A 213 -0.72 -16.08 3.78
N ARG A 214 -0.28 -16.97 4.67
CA ARG A 214 -1.02 -18.18 5.03
C ARG A 214 -2.33 -17.85 5.76
N ASP A 215 -2.25 -16.97 6.75
CA ASP A 215 -3.41 -16.44 7.48
C ASP A 215 -4.53 -15.83 6.61
N VAL A 216 -4.15 -15.12 5.55
CA VAL A 216 -5.12 -14.57 4.59
C VAL A 216 -5.70 -15.72 3.78
N LEU A 217 -4.82 -16.51 3.15
CA LEU A 217 -5.19 -17.61 2.24
C LEU A 217 -5.98 -18.75 2.88
N GLU A 218 -5.79 -18.96 4.18
CA GLU A 218 -6.64 -19.85 5.01
C GLU A 218 -7.98 -19.24 5.48
N ASN A 219 -8.31 -18.02 5.02
CA ASN A 219 -9.56 -17.30 5.31
C ASN A 219 -9.72 -16.92 6.80
N LYS A 220 -8.59 -16.72 7.51
CA LYS A 220 -8.58 -16.44 8.96
C LYS A 220 -8.50 -14.95 9.32
N LEU A 221 -7.67 -14.18 8.60
CA LEU A 221 -7.37 -12.79 8.96
C LEU A 221 -8.55 -11.84 8.70
N LEU A 222 -9.03 -11.81 7.46
CA LEU A 222 -10.23 -11.04 7.05
C LEU A 222 -11.17 -11.99 6.28
N PRO A 223 -12.01 -12.77 7.02
CA PRO A 223 -12.90 -13.77 6.40
C PRO A 223 -13.82 -13.27 5.28
N LEU A 224 -13.87 -14.04 4.20
CA LEU A 224 -14.85 -13.91 3.11
C LEU A 224 -15.54 -15.25 2.93
N ARG A 225 -16.87 -15.25 2.84
CA ARG A 225 -17.68 -16.47 2.57
C ARG A 225 -17.19 -17.25 1.33
N ARG A 226 -16.92 -16.52 0.26
CA ARG A 226 -16.51 -17.12 -1.02
C ARG A 226 -15.00 -17.45 -1.16
N GLY A 227 -14.19 -17.13 -0.14
CA GLY A 227 -12.78 -17.56 -0.06
C GLY A 227 -11.76 -16.64 -0.71
N TYR A 228 -10.50 -16.98 -0.50
CA TYR A 228 -9.33 -16.37 -1.15
C TYR A 228 -8.59 -17.40 -2.01
N ILE A 229 -8.13 -16.98 -3.19
CA ILE A 229 -7.32 -17.81 -4.10
C ILE A 229 -6.01 -17.06 -4.37
N GLY A 230 -4.88 -17.73 -4.14
CA GLY A 230 -3.55 -17.20 -4.43
C GLY A 230 -3.15 -17.42 -5.89
N VAL A 231 -2.42 -16.46 -6.46
CA VAL A 231 -1.80 -16.60 -7.78
C VAL A 231 -0.39 -15.99 -7.82
N VAL A 232 0.35 -16.37 -8.86
CA VAL A 232 1.69 -15.87 -9.18
C VAL A 232 1.76 -15.60 -10.70
N ASN A 233 2.36 -14.45 -11.07
CA ASN A 233 2.64 -14.08 -12.46
C ASN A 233 4.14 -14.21 -12.68
N ASP A 244 4.55 -16.78 -23.16
CA ASP A 244 4.64 -18.22 -22.94
C ASP A 244 3.85 -18.63 -21.68
N ILE A 245 2.53 -18.78 -21.87
CA ILE A 245 1.60 -19.10 -20.77
C ILE A 245 1.81 -20.49 -20.14
N THR A 246 2.11 -21.50 -20.98
CA THR A 246 2.41 -22.87 -20.54
C THR A 246 3.58 -22.93 -19.54
N ALA A 247 4.65 -22.18 -19.84
CA ALA A 247 5.79 -22.01 -18.93
C ALA A 247 5.43 -21.24 -17.64
N ALA A 248 4.63 -20.18 -17.78
CA ALA A 248 4.17 -19.35 -16.65
C ALA A 248 3.28 -20.13 -15.67
N LEU A 249 2.30 -20.84 -16.22
CA LEU A 249 1.40 -21.73 -15.45
C LEU A 249 2.16 -22.90 -14.78
N ALA A 250 3.12 -23.49 -15.49
CA ALA A 250 4.02 -24.52 -14.94
C ALA A 250 4.83 -24.02 -13.74
N ALA A 251 5.44 -22.85 -13.90
CA ALA A 251 6.18 -22.17 -12.82
C ALA A 251 5.30 -21.77 -11.61
N GLU A 252 4.04 -21.41 -11.86
CA GLU A 252 3.08 -21.14 -10.78
C GLU A 252 2.76 -22.40 -9.96
N ARG A 253 2.42 -23.48 -10.66
CA ARG A 253 2.13 -24.78 -10.03
C ARG A 253 3.30 -25.25 -9.17
N LYS A 254 4.51 -25.16 -9.73
CA LYS A 254 5.76 -25.48 -9.04
C LYS A 254 6.04 -24.59 -7.80
N PHE A 255 5.68 -23.31 -7.87
CA PHE A 255 5.77 -22.39 -6.71
C PHE A 255 4.95 -22.85 -5.50
N PHE A 256 3.67 -23.15 -5.75
CA PHE A 256 2.74 -23.56 -4.67
C PHE A 256 3.07 -24.93 -4.08
N LEU A 257 3.49 -25.87 -4.93
CA LEU A 257 3.98 -27.19 -4.47
C LEU A 257 5.30 -27.12 -3.67
N SER A 258 6.21 -26.22 -4.06
CA SER A 258 7.51 -26.04 -3.37
C SER A 258 7.45 -25.28 -2.04
N HIS A 259 6.59 -24.27 -1.95
CA HIS A 259 6.57 -23.33 -0.80
C HIS A 259 5.93 -24.00 0.44
N PRO A 260 6.66 -24.05 1.59
CA PRO A 260 6.20 -24.83 2.76
C PRO A 260 4.93 -24.29 3.46
N SER A 261 4.76 -22.97 3.50
CA SER A 261 3.50 -22.33 3.94
C SER A 261 2.25 -22.67 3.10
N TYR A 262 2.41 -22.92 1.80
CA TYR A 262 1.29 -23.15 0.85
C TYR A 262 1.16 -24.58 0.26
N ARG A 263 2.04 -25.51 0.64
CA ARG A 263 1.97 -26.93 0.22
C ARG A 263 0.60 -27.57 0.42
N HIS A 264 0.11 -27.49 1.65
CA HIS A 264 -1.20 -28.03 2.06
C HIS A 264 -2.43 -27.44 1.33
N LEU A 265 -2.32 -26.19 0.86
CA LEU A 265 -3.38 -25.52 0.07
C LEU A 265 -3.23 -25.61 -1.46
N ALA A 266 -2.15 -26.23 -1.96
CA ALA A 266 -1.70 -26.10 -3.36
C ALA A 266 -2.77 -26.38 -4.44
N ASP A 267 -3.62 -27.38 -4.18
CA ASP A 267 -4.70 -27.77 -5.09
C ASP A 267 -5.94 -26.84 -5.08
N ARG A 268 -6.00 -25.87 -4.15
CA ARG A 268 -6.94 -24.73 -4.22
C ARG A 268 -6.21 -23.37 -4.39
N MET A 269 -5.12 -23.39 -5.16
CA MET A 269 -4.30 -22.22 -5.50
C MET A 269 -3.97 -22.24 -6.99
N GLY A 270 -3.67 -21.07 -7.54
CA GLY A 270 -3.25 -20.92 -8.94
C GLY A 270 -4.38 -20.54 -9.87
N THR A 271 -3.99 -20.13 -11.08
CA THR A 271 -4.89 -19.52 -12.06
C THR A 271 -5.90 -20.52 -12.68
N PRO A 272 -5.48 -21.78 -12.98
CA PRO A 272 -6.46 -22.79 -13.43
C PRO A 272 -7.56 -23.07 -12.40
N TYR A 273 -7.17 -23.22 -11.12
CA TYR A 273 -8.13 -23.34 -10.03
C TYR A 273 -9.04 -22.11 -9.90
N LEU A 274 -8.43 -20.91 -9.95
CA LEU A 274 -9.18 -19.67 -9.85
C LEU A 274 -10.25 -19.60 -10.93
N GLN A 275 -9.83 -19.86 -12.17
CA GLN A 275 -10.73 -19.88 -13.33
C GLN A 275 -11.88 -20.87 -13.16
N LYS A 276 -11.57 -22.06 -12.63
CA LYS A 276 -12.57 -23.08 -12.32
C LYS A 276 -13.59 -22.62 -11.28
N VAL A 277 -13.11 -22.13 -10.14
CA VAL A 277 -14.01 -21.71 -9.03
C VAL A 277 -14.92 -20.51 -9.41
N LEU A 278 -14.41 -19.60 -10.25
CA LEU A 278 -15.21 -18.49 -10.79
C LEU A 278 -16.31 -18.95 -11.76
N ASN A 279 -15.97 -19.89 -12.65
CA ASN A 279 -16.98 -20.57 -13.49
C ASN A 279 -18.11 -21.17 -12.63
N GLN A 280 -17.72 -21.91 -11.60
CA GLN A 280 -18.69 -22.57 -10.69
C GLN A 280 -19.56 -21.55 -9.92
N GLN A 281 -18.91 -20.54 -9.33
CA GLN A 281 -19.61 -19.49 -8.58
C GLN A 281 -20.48 -18.59 -9.44
N LEU A 282 -20.03 -18.24 -10.64
CA LEU A 282 -20.84 -17.46 -11.59
C LEU A 282 -22.07 -18.23 -12.08
N THR A 283 -21.89 -19.50 -12.47
CA THR A 283 -22.98 -20.38 -12.94
C THR A 283 -24.08 -20.49 -11.89
N ASN A 284 -23.68 -20.83 -10.67
CA ASN A 284 -24.60 -20.90 -9.52
C ASN A 284 -25.28 -19.56 -9.18
N HIS A 285 -24.54 -18.47 -9.32
CA HIS A 285 -25.05 -17.10 -9.09
C HIS A 285 -26.08 -16.67 -10.14
N ILE A 286 -25.81 -16.98 -11.42
CA ILE A 286 -26.76 -16.73 -12.52
C ILE A 286 -28.04 -17.54 -12.31
N ARG A 287 -27.90 -18.81 -11.92
CA ARG A 287 -29.04 -19.69 -11.58
C ARG A 287 -29.94 -19.09 -10.49
N ASP A 288 -29.32 -18.58 -9.42
CA ASP A 288 -30.06 -17.96 -8.30
C ASP A 288 -30.79 -16.66 -8.66
N THR A 289 -30.19 -15.83 -9.52
CA THR A 289 -30.65 -14.44 -9.73
C THR A 289 -31.38 -14.14 -11.05
N LEU A 290 -31.21 -14.98 -12.07
CA LEU A 290 -31.83 -14.75 -13.41
C LEU A 290 -33.37 -14.64 -13.43
N PRO A 291 -34.08 -15.46 -12.60
CA PRO A 291 -35.54 -15.28 -12.47
C PRO A 291 -35.96 -13.93 -11.82
N GLY A 292 -35.21 -13.51 -10.80
CA GLY A 292 -35.33 -12.16 -10.23
C GLY A 292 -35.03 -11.02 -11.22
N LEU A 293 -34.03 -11.23 -12.08
CA LEU A 293 -33.70 -10.27 -13.15
C LEU A 293 -34.82 -10.12 -14.18
N ARG A 294 -35.43 -11.26 -14.58
CA ARG A 294 -36.62 -11.28 -15.45
C ARG A 294 -37.75 -10.40 -14.90
N ASN A 295 -38.06 -10.56 -13.62
CA ASN A 295 -39.08 -9.76 -12.91
C ASN A 295 -38.75 -8.27 -12.90
N LYS A 296 -37.50 -7.91 -12.62
CA LYS A 296 -37.06 -6.50 -12.60
C LYS A 296 -37.11 -5.85 -14.01
N LEU A 297 -36.64 -6.60 -15.01
CA LEU A 297 -36.74 -6.17 -16.42
C LEU A 297 -38.20 -6.05 -16.91
N GLN A 298 -39.06 -6.94 -16.44
CA GLN A 298 -40.51 -6.89 -16.72
C GLN A 298 -41.15 -5.63 -16.12
N SER A 299 -40.81 -5.30 -14.87
CA SER A 299 -41.24 -4.05 -14.22
C SER A 299 -40.75 -2.79 -14.94
N GLN A 300 -39.49 -2.82 -15.38
CA GLN A 300 -38.93 -1.76 -16.24
C GLN A 300 -39.68 -1.60 -17.58
N LEU A 301 -40.03 -2.73 -18.20
CA LEU A 301 -40.81 -2.72 -19.45
C LEU A 301 -42.20 -2.10 -19.27
N LEU A 302 -42.92 -2.58 -18.26
CA LEU A 302 -44.26 -2.05 -17.89
C LEU A 302 -44.26 -0.55 -17.59
N SER A 303 -43.21 -0.09 -16.89
CA SER A 303 -42.99 1.34 -16.62
C SER A 303 -42.72 2.14 -17.90
N ILE A 304 -41.75 1.70 -18.71
CA ILE A 304 -41.41 2.38 -19.98
C ILE A 304 -42.50 2.28 -21.08
N GLU A 305 -43.33 1.23 -21.02
CA GLU A 305 -44.47 1.07 -21.95
C GLU A 305 -45.57 2.12 -21.70
N LYS A 306 -45.81 2.44 -20.43
CA LYS A 306 -46.67 3.58 -20.05
C LYS A 306 -46.17 4.95 -20.55
N GLU A 307 -44.84 5.15 -20.52
CA GLU A 307 -44.19 6.42 -20.87
C GLU A 307 -44.37 6.87 -22.33
N VAL A 308 -44.30 5.90 -23.26
CA VAL A 308 -44.46 6.16 -24.72
C VAL A 308 -45.85 6.66 -25.17
N GLU A 309 -46.89 6.31 -24.41
CA GLU A 309 -48.23 6.90 -24.53
C GLU A 309 -48.75 7.29 -23.14
N GLU A 325 -39.91 19.89 -30.74
CA GLU A 325 -39.01 18.95 -30.08
C GLU A 325 -37.55 19.42 -30.13
N SER A 326 -36.99 19.77 -28.98
CA SER A 326 -35.58 20.19 -28.87
C SER A 326 -34.59 19.03 -29.00
N ALA A 327 -33.31 19.37 -29.08
CA ALA A 327 -32.20 18.39 -29.10
C ALA A 327 -32.14 17.51 -27.84
N GLU A 328 -32.41 18.12 -26.68
CA GLU A 328 -32.59 17.38 -25.42
C GLU A 328 -33.78 16.42 -25.47
N GLN A 329 -34.93 16.97 -25.87
CA GLN A 329 -36.20 16.23 -25.92
C GLN A 329 -36.17 15.07 -26.93
N ALA A 330 -35.54 15.28 -28.08
CA ALA A 330 -35.33 14.22 -29.10
C ALA A 330 -34.39 13.14 -28.60
N GLN A 331 -33.26 13.55 -28.00
CA GLN A 331 -32.30 12.66 -27.34
C GLN A 331 -32.90 11.83 -26.19
N ARG A 332 -33.84 12.42 -25.44
CA ARG A 332 -34.58 11.71 -24.39
C ARG A 332 -35.53 10.64 -24.97
N ARG A 333 -36.22 10.97 -26.06
CA ARG A 333 -37.08 10.01 -26.79
C ARG A 333 -36.28 8.87 -27.42
N ASP A 334 -35.14 9.18 -28.03
CA ASP A 334 -34.28 8.17 -28.68
C ASP A 334 -33.70 7.17 -27.69
N GLU A 335 -33.24 7.67 -26.53
CA GLU A 335 -32.73 6.82 -25.43
C GLU A 335 -33.79 5.85 -24.88
N MET A 336 -35.02 6.31 -24.74
CA MET A 336 -36.17 5.48 -24.33
C MET A 336 -36.46 4.35 -25.33
N LEU A 337 -36.43 4.67 -26.63
CA LEU A 337 -36.64 3.68 -27.72
C LEU A 337 -35.50 2.67 -27.82
N ARG A 338 -34.26 3.14 -27.68
CA ARG A 338 -33.09 2.24 -27.56
C ARG A 338 -33.22 1.26 -26.37
N MET A 339 -33.65 1.79 -25.21
CA MET A 339 -33.93 0.98 -24.00
C MET A 339 -35.07 -0.04 -24.23
N TYR A 340 -36.13 0.37 -24.90
CA TYR A 340 -37.22 -0.55 -25.31
C TYR A 340 -36.69 -1.74 -26.12
N HIS A 341 -35.89 -1.43 -27.13
CA HIS A 341 -35.21 -2.42 -28.00
C HIS A 341 -34.28 -3.39 -27.25
N ALA A 342 -33.47 -2.85 -26.35
CA ALA A 342 -32.57 -3.70 -25.52
C ALA A 342 -33.35 -4.64 -24.60
N LEU A 343 -34.39 -4.11 -23.94
CA LEU A 343 -35.28 -4.90 -23.05
C LEU A 343 -36.01 -6.02 -23.81
N LYS A 344 -36.57 -5.70 -24.98
CA LYS A 344 -37.22 -6.69 -25.86
C LYS A 344 -36.26 -7.79 -26.29
N GLU A 345 -35.09 -7.38 -26.78
CA GLU A 345 -33.98 -8.32 -27.13
C GLU A 345 -33.59 -9.20 -25.94
N ALA A 346 -33.45 -8.59 -24.76
CA ALA A 346 -33.08 -9.30 -23.51
C ALA A 346 -34.13 -10.31 -23.04
N LEU A 347 -35.40 -9.91 -23.07
CA LEU A 347 -36.52 -10.82 -22.70
C LEU A 347 -36.63 -12.04 -23.63
N SER A 348 -36.35 -11.83 -24.92
CA SER A 348 -36.20 -12.93 -25.92
C SER A 348 -35.03 -13.89 -25.61
N ILE A 349 -33.91 -13.35 -25.10
CA ILE A 349 -32.75 -14.17 -24.63
C ILE A 349 -33.14 -15.04 -23.40
N ILE A 350 -33.85 -14.45 -22.44
CA ILE A 350 -34.27 -15.16 -21.21
C ILE A 350 -35.33 -16.23 -21.52
N GLY A 351 -36.34 -15.88 -22.33
CA GLY A 351 -37.39 -16.80 -22.76
C GLY A 351 -38.37 -17.11 -21.64
N ALA B 2 30.40 22.30 10.06
CA ALA B 2 29.95 20.88 10.11
C ALA B 2 30.83 20.03 11.00
N MET B 3 30.73 20.30 12.30
CA MET B 3 31.59 19.67 13.32
C MET B 3 31.05 18.30 13.77
N GLU B 4 31.98 17.39 14.04
CA GLU B 4 31.68 16.04 14.53
C GLU B 4 31.12 15.97 15.97
N ASP B 5 31.29 17.04 16.76
CA ASP B 5 30.70 17.17 18.12
C ASP B 5 29.22 17.61 18.19
N LEU B 6 28.62 18.04 17.07
CA LEU B 6 27.23 18.53 17.05
C LEU B 6 26.19 17.46 17.35
N ILE B 7 26.31 16.28 16.73
CA ILE B 7 25.42 15.12 17.04
C ILE B 7 25.58 14.67 18.51
N PRO B 8 26.84 14.49 19.02
CA PRO B 8 27.06 14.29 20.45
C PRO B 8 26.45 15.35 21.38
N LEU B 9 26.53 16.63 20.99
CA LEU B 9 25.91 17.72 21.78
C LEU B 9 24.41 17.49 21.94
N VAL B 10 23.75 17.22 20.81
CA VAL B 10 22.31 16.95 20.80
C VAL B 10 21.97 15.63 21.52
N ASN B 11 22.83 14.61 21.45
CA ASN B 11 22.67 13.39 22.28
C ASN B 11 22.59 13.67 23.78
N ARG B 12 23.43 14.59 24.25
CA ARG B 12 23.38 15.06 25.65
C ARG B 12 22.06 15.79 25.97
N LEU B 13 21.57 16.61 25.04
CA LEU B 13 20.26 17.25 25.16
C LEU B 13 19.13 16.23 25.23
N GLN B 14 19.19 15.23 24.36
CA GLN B 14 18.21 14.12 24.35
C GLN B 14 18.18 13.33 25.67
N ASP B 15 19.35 13.05 26.21
CA ASP B 15 19.49 12.38 27.52
C ASP B 15 18.96 13.21 28.68
N ALA B 16 19.25 14.51 28.66
CA ALA B 16 18.76 15.44 29.71
C ALA B 16 17.24 15.49 29.75
N PHE B 17 16.60 15.58 28.58
CA PHE B 17 15.14 15.59 28.50
C PHE B 17 14.49 14.21 28.66
N SER B 18 15.15 13.16 28.19
CA SER B 18 14.66 11.76 28.39
C SER B 18 14.68 11.31 29.84
N ALA B 19 15.63 11.82 30.63
CA ALA B 19 15.65 11.61 32.08
C ALA B 19 14.38 12.07 32.83
N ILE B 20 13.69 13.07 32.27
CA ILE B 20 12.38 13.57 32.78
C ILE B 20 11.17 13.15 31.91
N GLY B 21 11.35 12.12 31.07
CA GLY B 21 10.31 11.61 30.20
C GLY B 21 9.86 12.49 29.06
N GLN B 22 10.77 13.32 28.52
CA GLN B 22 10.45 14.35 27.51
C GLN B 22 11.33 14.25 26.27
N ASN B 23 10.78 14.68 25.14
CA ASN B 23 11.53 14.86 23.90
C ASN B 23 10.79 15.75 22.94
N ALA B 24 9.62 15.29 22.51
CA ALA B 24 8.86 15.88 21.37
C ALA B 24 8.55 17.37 21.54
N ASP B 25 8.09 17.75 22.73
CA ASP B 25 7.70 19.14 23.02
C ASP B 25 8.85 20.18 23.04
N LEU B 26 10.10 19.72 23.05
CA LEU B 26 11.27 20.61 23.07
C LEU B 26 11.84 21.03 21.73
N ASP B 27 11.35 20.43 20.63
CA ASP B 27 11.70 20.83 19.26
C ASP B 27 13.22 20.75 19.00
N LEU B 28 13.82 19.64 19.42
CA LEU B 28 15.25 19.40 19.23
C LEU B 28 15.53 19.08 17.75
N PRO B 29 16.74 19.42 17.25
CA PRO B 29 17.09 19.06 15.87
C PRO B 29 17.45 17.59 15.79
N GLN B 30 16.62 16.82 15.12
CA GLN B 30 16.72 15.37 15.07
C GLN B 30 15.96 14.78 13.87
N ILE B 31 16.23 13.51 13.59
CA ILE B 31 15.61 12.76 12.51
C ILE B 31 14.61 11.82 13.17
N ALA B 32 13.34 11.97 12.81
CA ALA B 32 12.30 11.00 13.15
C ALA B 32 12.12 10.00 12.00
N VAL B 33 12.18 8.72 12.32
CA VAL B 33 12.04 7.64 11.32
C VAL B 33 10.56 7.21 11.28
N VAL B 34 9.89 7.44 10.13
N VAL B 34 9.92 7.41 10.12
CA VAL B 34 8.46 7.15 9.99
CA VAL B 34 8.48 7.17 9.96
C VAL B 34 8.23 6.13 8.90
C VAL B 34 8.23 6.12 8.88
N GLY B 35 7.31 5.20 9.16
CA GLY B 35 6.97 4.13 8.22
C GLY B 35 5.71 3.38 8.61
N GLY B 36 5.00 2.89 7.60
CA GLY B 36 3.98 1.86 7.77
C GLY B 36 4.62 0.57 8.29
N GLN B 37 3.81 -0.26 8.96
CA GLN B 37 4.32 -1.50 9.59
C GLN B 37 5.07 -2.47 8.65
N SER B 38 4.69 -2.47 7.37
CA SER B 38 5.31 -3.29 6.33
C SER B 38 6.21 -2.48 5.33
N ALA B 39 6.70 -1.32 5.74
CA ALA B 39 7.58 -0.47 4.88
C ALA B 39 9.06 -0.88 4.87
N GLY B 40 9.48 -1.72 5.82
CA GLY B 40 10.86 -2.18 5.94
C GLY B 40 11.75 -1.29 6.80
N LYS B 41 11.15 -0.51 7.72
CA LYS B 41 11.84 0.46 8.56
C LYS B 41 12.86 -0.20 9.51
N SER B 42 12.42 -1.28 10.17
CA SER B 42 13.30 -2.06 11.05
C SER B 42 14.56 -2.58 10.36
N SER B 43 14.42 -3.14 9.17
CA SER B 43 15.58 -3.63 8.38
C SER B 43 16.59 -2.52 8.02
N VAL B 44 16.11 -1.31 7.75
CA VAL B 44 16.98 -0.13 7.48
C VAL B 44 17.87 0.16 8.69
N LEU B 45 17.26 0.23 9.88
CA LEU B 45 18.01 0.53 11.12
C LEU B 45 18.94 -0.62 11.56
N GLU B 46 18.46 -1.84 11.45
CA GLU B 46 19.28 -3.03 11.77
C GLU B 46 20.47 -3.23 10.80
N ASN B 47 20.31 -2.84 9.54
CA ASN B 47 21.43 -2.83 8.58
C ASN B 47 22.49 -1.74 8.83
N PHE B 48 22.11 -0.63 9.47
CA PHE B 48 23.11 0.34 9.99
C PHE B 48 23.94 -0.30 11.10
N VAL B 49 23.26 -0.83 12.10
CA VAL B 49 23.88 -1.44 13.29
C VAL B 49 24.66 -2.72 12.95
N GLY B 50 24.17 -3.49 11.98
CA GLY B 50 24.69 -4.83 11.67
C GLY B 50 24.32 -5.93 12.65
N ARG B 51 23.26 -5.71 13.44
CA ARG B 51 22.73 -6.71 14.38
C ARG B 51 21.21 -6.57 14.44
N ASP B 52 20.51 -7.68 14.62
CA ASP B 52 19.05 -7.68 14.85
C ASP B 52 18.81 -7.33 16.30
N PHE B 53 18.03 -6.28 16.55
CA PHE B 53 17.66 -5.86 17.93
C PHE B 53 16.26 -5.28 18.17
N LEU B 54 15.49 -5.01 17.11
CA LEU B 54 14.16 -4.42 17.24
C LEU B 54 13.14 -5.54 17.42
N PRO B 55 11.98 -5.25 18.07
CA PRO B 55 10.88 -6.24 18.10
C PRO B 55 10.37 -6.67 16.71
N ARG B 56 9.78 -7.86 16.65
CA ARG B 56 9.35 -8.49 15.39
C ARG B 56 8.08 -9.31 15.56
N ILE B 60 3.87 -1.47 13.95
CA ILE B 60 4.06 -1.29 15.39
C ILE B 60 4.87 -2.46 15.99
N VAL B 61 6.15 -2.48 15.63
CA VAL B 61 7.16 -3.29 16.35
C VAL B 61 7.29 -2.81 17.81
N THR B 62 7.43 -1.49 17.96
CA THR B 62 7.63 -0.80 19.23
C THR B 62 6.39 0.02 19.60
N ARG B 63 6.24 0.35 20.88
CA ARG B 63 5.15 1.20 21.38
C ARG B 63 5.60 2.52 22.05
N ARG B 64 6.92 2.79 22.07
CA ARG B 64 7.49 4.08 22.49
C ARG B 64 8.54 4.51 21.47
N PRO B 65 8.89 5.83 21.44
CA PRO B 65 10.01 6.28 20.62
C PRO B 65 11.34 5.70 21.07
N LEU B 66 12.17 5.30 20.11
CA LEU B 66 13.52 4.82 20.40
C LEU B 66 14.49 5.86 19.91
N VAL B 67 15.16 6.56 20.84
CA VAL B 67 16.26 7.50 20.49
C VAL B 67 17.51 6.65 20.34
N LEU B 68 17.78 6.26 19.09
N LEU B 68 17.81 6.32 19.08
CA LEU B 68 18.90 5.39 18.73
CA LEU B 68 18.88 5.42 18.71
C LEU B 68 20.14 6.23 18.45
C LEU B 68 20.14 6.23 18.45
N GLN B 69 21.06 6.26 19.41
CA GLN B 69 22.30 7.06 19.32
C GLN B 69 23.47 6.15 18.90
N LEU B 70 23.77 6.16 17.61
CA LEU B 70 24.77 5.25 17.04
C LEU B 70 26.17 5.84 17.21
N VAL B 71 27.11 5.04 17.76
CA VAL B 71 28.49 5.45 17.99
C VAL B 71 29.43 4.45 17.31
N ASN B 72 30.32 4.95 16.46
CA ASN B 72 31.36 4.13 15.84
C ASN B 72 32.34 3.61 16.92
N ALA B 73 32.66 2.32 16.85
CA ALA B 73 33.50 1.64 17.84
C ALA B 73 34.01 0.30 17.30
N THR B 74 35.05 -0.24 17.93
CA THR B 74 35.62 -1.54 17.55
C THR B 74 34.73 -2.72 17.94
N THR B 75 34.06 -2.61 19.09
CA THR B 75 33.18 -3.65 19.63
C THR B 75 31.69 -3.32 19.43
N GLU B 76 30.87 -4.36 19.59
CA GLU B 76 29.41 -4.29 19.50
C GLU B 76 28.77 -4.42 20.89
N TYR B 77 28.23 -3.30 21.37
CA TYR B 77 27.46 -3.30 22.61
C TYR B 77 26.46 -2.17 22.67
N ALA B 78 25.56 -2.25 23.65
CA ALA B 78 24.51 -1.25 23.86
C ALA B 78 24.45 -0.77 25.30
N GLU B 79 24.01 0.48 25.47
CA GLU B 79 23.77 1.09 26.79
C GLU B 79 22.43 1.83 26.80
N PHE B 80 21.53 1.43 27.71
CA PHE B 80 20.27 2.14 27.94
C PHE B 80 20.51 3.22 29.00
N LEU B 81 19.97 4.41 28.74
CA LEU B 81 19.98 5.53 29.68
C LEU B 81 19.29 5.17 31.00
N HIS B 82 18.13 4.49 30.92
CA HIS B 82 17.37 4.08 32.12
C HIS B 82 18.08 3.05 33.04
N SER B 83 19.03 2.28 32.49
CA SER B 83 19.77 1.23 33.19
C SER B 83 21.26 1.61 33.20
N LYS B 84 21.59 2.61 34.03
CA LYS B 84 22.93 3.23 34.08
C LYS B 84 24.01 2.22 34.45
N GLY B 85 25.15 2.30 33.76
CA GLY B 85 26.27 1.36 33.95
C GLY B 85 26.22 0.06 33.15
N LYS B 86 25.02 -0.53 32.98
CA LYS B 86 24.90 -1.89 32.43
C LYS B 86 25.17 -1.94 30.92
N LYS B 87 26.25 -2.63 30.55
CA LYS B 87 26.59 -2.90 29.15
C LYS B 87 25.82 -4.12 28.67
N PHE B 88 25.12 -4.00 27.54
CA PHE B 88 24.45 -5.14 26.86
C PHE B 88 25.30 -5.62 25.68
N THR B 89 25.86 -6.83 25.76
CA THR B 89 26.59 -7.47 24.65
C THR B 89 25.70 -8.38 23.77
N ASP B 90 24.73 -9.04 24.40
CA ASP B 90 23.70 -9.83 23.70
C ASP B 90 22.59 -8.91 23.18
N PHE B 91 22.52 -8.76 21.86
CA PHE B 91 21.46 -7.96 21.20
C PHE B 91 20.06 -8.57 21.25
N GLU B 92 19.98 -9.86 21.57
CA GLU B 92 18.71 -10.50 21.94
C GLU B 92 18.16 -9.98 23.28
N GLU B 93 19.02 -9.75 24.27
CA GLU B 93 18.65 -9.07 25.54
C GLU B 93 18.33 -7.56 25.35
N VAL B 94 18.93 -6.92 24.34
CA VAL B 94 18.58 -5.53 23.93
C VAL B 94 17.12 -5.45 23.46
N ARG B 95 16.71 -6.40 22.62
CA ARG B 95 15.32 -6.53 22.15
C ARG B 95 14.35 -6.76 23.33
N LEU B 96 14.70 -7.69 24.23
CA LEU B 96 13.93 -7.95 25.46
C LEU B 96 13.80 -6.75 26.39
N GLU B 97 14.88 -5.99 26.54
CA GLU B 97 14.90 -4.81 27.42
C GLU B 97 14.04 -3.66 26.88
N ILE B 98 14.05 -3.46 25.55
CA ILE B 98 13.17 -2.49 24.87
C ILE B 98 11.71 -2.78 25.17
N GLU B 99 11.32 -4.05 24.98
CA GLU B 99 10.00 -4.54 25.31
C GLU B 99 9.66 -4.42 26.80
N ALA B 100 10.61 -4.76 27.67
CA ALA B 100 10.44 -4.71 29.14
C ALA B 100 10.24 -3.31 29.68
N GLU B 101 11.12 -2.40 29.26
CA GLU B 101 11.02 -0.97 29.58
C GLU B 101 9.74 -0.31 29.02
N THR B 102 9.29 -0.77 27.85
CA THR B 102 8.00 -0.33 27.27
C THR B 102 6.81 -0.70 28.14
N ASP B 103 6.75 -1.97 28.57
CA ASP B 103 5.72 -2.46 29.50
C ASP B 103 5.75 -1.83 30.90
N ARG B 104 6.93 -1.35 31.31
CA ARG B 104 7.11 -0.55 32.56
C ARG B 104 6.25 0.73 32.59
N VAL B 105 6.02 1.35 31.43
CA VAL B 105 5.17 2.55 31.26
C VAL B 105 3.78 2.12 30.74
N THR B 106 3.75 1.46 29.58
CA THR B 106 2.50 1.01 28.92
C THR B 106 2.07 -0.34 29.48
N LYS B 110 -2.18 -1.69 26.72
CA LYS B 110 -1.13 -2.05 25.76
C LYS B 110 -1.08 -1.09 24.55
N GLY B 111 -1.12 0.21 24.84
CA GLY B 111 -1.21 1.28 23.83
C GLY B 111 0.13 1.93 23.54
N ILE B 112 0.11 3.23 23.26
CA ILE B 112 1.25 4.02 22.79
C ILE B 112 1.57 5.12 23.82
N SER B 113 2.86 5.41 23.98
CA SER B 113 3.36 6.52 24.81
C SER B 113 4.45 7.29 24.04
N PRO B 114 4.47 8.65 24.14
CA PRO B 114 5.56 9.45 23.55
C PRO B 114 6.86 9.50 24.38
N VAL B 115 6.90 8.84 25.54
CA VAL B 115 8.05 8.91 26.45
C VAL B 115 9.22 8.10 25.84
N PRO B 116 10.37 8.75 25.54
CA PRO B 116 11.42 8.08 24.79
C PRO B 116 12.20 7.05 25.58
N ILE B 117 12.70 6.04 24.86
CA ILE B 117 13.71 5.10 25.37
C ILE B 117 15.00 5.51 24.66
N ASN B 118 16.03 5.87 25.42
CA ASN B 118 17.32 6.28 24.87
C ASN B 118 18.30 5.12 24.92
N LEU B 119 18.85 4.77 23.75
CA LEU B 119 19.68 3.60 23.54
C LEU B 119 20.92 4.02 22.77
N ARG B 120 22.08 3.97 23.43
CA ARG B 120 23.40 4.17 22.79
C ARG B 120 23.86 2.82 22.22
N VAL B 121 24.08 2.76 20.90
CA VAL B 121 24.52 1.52 20.23
C VAL B 121 25.93 1.74 19.69
N TYR B 122 26.86 0.94 20.19
CA TYR B 122 28.26 0.92 19.79
C TYR B 122 28.46 -0.21 18.78
N SER B 123 29.07 0.12 17.65
CA SER B 123 29.25 -0.84 16.54
C SER B 123 30.28 -0.31 15.53
N PRO B 124 31.06 -1.19 14.87
CA PRO B 124 31.90 -0.74 13.74
C PRO B 124 31.16 -0.52 12.41
N HIS B 125 29.91 -0.96 12.34
CA HIS B 125 29.09 -0.81 11.14
C HIS B 125 28.38 0.54 11.07
N VAL B 126 28.38 1.32 12.15
CA VAL B 126 27.69 2.62 12.21
C VAL B 126 28.63 3.81 12.08
N LEU B 127 28.07 4.92 11.58
CA LEU B 127 28.65 6.24 11.65
C LEU B 127 28.08 6.98 12.86
N ASN B 128 28.67 8.15 13.14
CA ASN B 128 28.17 9.12 14.10
C ASN B 128 26.79 9.59 13.61
N LEU B 129 25.73 9.08 14.24
CA LEU B 129 24.36 9.31 13.75
C LEU B 129 23.36 8.99 14.84
N THR B 130 22.35 9.86 14.98
CA THR B 130 21.23 9.62 15.87
C THR B 130 19.92 9.65 15.10
N LEU B 131 19.04 8.68 15.39
CA LEU B 131 17.72 8.56 14.78
C LEU B 131 16.68 8.30 15.86
N VAL B 132 15.53 8.95 15.75
CA VAL B 132 14.42 8.75 16.67
C VAL B 132 13.45 7.84 15.92
N ASP B 133 13.53 6.53 16.20
CA ASP B 133 12.62 5.56 15.58
C ASP B 133 11.27 5.62 16.26
N LEU B 134 10.21 5.83 15.48
CA LEU B 134 8.83 5.89 15.96
C LEU B 134 8.07 4.64 15.52
N PRO B 135 7.04 4.22 16.30
CA PRO B 135 6.26 3.02 15.96
C PRO B 135 5.73 2.97 14.54
N GLY B 136 5.85 1.79 13.94
CA GLY B 136 5.25 1.48 12.65
C GLY B 136 3.75 1.72 12.68
N MET B 137 3.25 2.40 11.66
CA MET B 137 1.83 2.67 11.55
C MET B 137 1.06 1.41 11.15
N THR B 138 -0.05 1.17 11.85
CA THR B 138 -0.95 0.04 11.57
CA THR B 138 -0.94 0.01 11.68
C THR B 138 -2.39 0.52 11.49
N HIS B 139 -3.24 -0.33 10.93
CA HIS B 139 -4.65 -0.01 10.67
C HIS B 139 -5.69 -0.88 11.37
N VAL B 140 -5.36 -2.13 11.68
CA VAL B 140 -6.25 -3.05 12.41
C VAL B 140 -5.56 -3.54 13.68
N PRO B 141 -6.22 -3.45 14.86
CA PRO B 141 -5.60 -4.01 16.08
C PRO B 141 -5.42 -5.53 16.00
N VAL B 142 -4.22 -5.98 16.35
CA VAL B 142 -3.87 -7.40 16.40
C VAL B 142 -3.46 -7.72 17.84
N GLY B 143 -3.80 -8.93 18.28
CA GLY B 143 -3.45 -9.40 19.61
C GLY B 143 -4.35 -8.75 20.65
N ASP B 144 -3.74 -8.16 21.68
CA ASP B 144 -4.46 -7.37 22.72
C ASP B 144 -4.20 -5.84 22.64
N GLN B 145 -3.86 -5.36 21.45
CA GLN B 145 -3.77 -3.93 21.16
C GLN B 145 -5.18 -3.31 21.20
N PRO B 146 -5.30 -2.06 21.72
CA PRO B 146 -6.63 -1.47 21.89
C PRO B 146 -7.28 -1.06 20.57
N PRO B 147 -8.63 -0.88 20.55
CA PRO B 147 -9.37 -0.58 19.31
C PRO B 147 -8.88 0.63 18.52
N ASP B 148 -8.42 1.67 19.23
CA ASP B 148 -7.93 2.91 18.62
C ASP B 148 -6.40 2.97 18.34
N ILE B 149 -5.74 1.82 18.19
CA ILE B 149 -4.29 1.76 18.03
C ILE B 149 -3.80 2.57 16.81
N GLU B 150 -4.53 2.53 15.69
CA GLU B 150 -4.21 3.35 14.49
C GLU B 150 -4.08 4.82 14.83
N PHE B 151 -5.09 5.33 15.54
CA PHE B 151 -5.12 6.73 16.00
C PHE B 151 -4.01 7.03 17.02
N GLN B 152 -3.82 6.16 18.01
CA GLN B 152 -2.76 6.31 19.03
C GLN B 152 -1.36 6.46 18.44
N ILE B 153 -1.04 5.64 17.44
CA ILE B 153 0.26 5.67 16.77
C ILE B 153 0.39 6.95 15.95
N ARG B 154 -0.61 7.22 15.10
CA ARG B 154 -0.57 8.40 14.23
C ARG B 154 -0.50 9.70 15.01
N ASP B 155 -1.27 9.81 16.08
CA ASP B 155 -1.29 10.99 16.95
C ASP B 155 0.05 11.20 17.68
N MET B 156 0.65 10.11 18.16
CA MET B 156 1.97 10.18 18.78
C MET B 156 3.07 10.59 17.78
N LEU B 157 3.05 10.01 16.58
CA LEU B 157 3.93 10.42 15.46
C LEU B 157 3.88 11.92 15.17
N MET B 158 2.65 12.44 15.08
CA MET B 158 2.39 13.87 14.87
C MET B 158 3.01 14.79 15.92
N GLN B 159 3.05 14.38 17.19
CA GLN B 159 3.73 15.16 18.24
C GLN B 159 5.22 15.42 17.93
N PHE B 160 5.88 14.46 17.28
CA PHE B 160 7.25 14.61 16.80
C PHE B 160 7.36 15.40 15.50
N VAL B 161 6.67 14.94 14.46
CA VAL B 161 6.88 15.44 13.07
C VAL B 161 6.23 16.78 12.73
N THR B 162 5.29 17.27 13.56
CA THR B 162 4.78 18.65 13.44
C THR B 162 5.79 19.72 13.89
N LYS B 163 6.82 19.34 14.66
CA LYS B 163 7.82 20.29 15.15
C LYS B 163 8.78 20.66 14.01
N GLU B 164 9.06 21.95 13.89
CA GLU B 164 9.82 22.49 12.74
C GLU B 164 11.26 22.00 12.62
N ASN B 165 11.92 21.73 13.75
CA ASN B 165 13.30 21.18 13.75
C ASN B 165 13.36 19.64 13.53
N CYS B 166 12.23 18.96 13.37
CA CYS B 166 12.22 17.53 13.11
C CYS B 166 12.40 17.27 11.61
N LEU B 167 13.51 16.63 11.26
CA LEU B 167 13.66 16.03 9.93
C LEU B 167 12.89 14.71 9.92
N ILE B 168 12.17 14.45 8.82
CA ILE B 168 11.34 13.23 8.68
C ILE B 168 12.08 12.27 7.75
N LEU B 169 12.51 11.13 8.27
CA LEU B 169 13.03 10.05 7.42
C LEU B 169 11.84 9.16 7.03
N ALA B 170 11.29 9.42 5.84
CA ALA B 170 10.07 8.76 5.37
C ALA B 170 10.42 7.46 4.63
N VAL B 171 10.14 6.32 5.26
CA VAL B 171 10.44 4.99 4.70
C VAL B 171 9.22 4.46 3.94
N SER B 172 9.39 4.18 2.63
CA SER B 172 8.33 3.62 1.79
C SER B 172 8.85 2.41 0.99
N PRO B 173 8.04 1.34 0.85
CA PRO B 173 8.43 0.21 -0.01
C PRO B 173 8.24 0.54 -1.49
N ALA B 174 9.24 0.19 -2.30
CA ALA B 174 9.22 0.35 -3.78
C ALA B 174 8.20 -0.52 -4.48
N ASN B 175 7.92 -1.70 -3.91
CA ASN B 175 7.04 -2.70 -4.52
C ASN B 175 5.53 -2.54 -4.18
N SER B 176 5.14 -1.33 -3.76
CA SER B 176 3.78 -0.90 -3.72
C SER B 176 3.71 0.51 -4.28
N ASP B 177 2.50 0.90 -4.69
CA ASP B 177 2.18 2.27 -5.13
C ASP B 177 2.69 3.25 -4.06
N LEU B 178 3.44 4.26 -4.50
CA LEU B 178 3.98 5.28 -3.61
C LEU B 178 2.88 6.12 -2.91
N ALA B 179 1.73 6.28 -3.57
CA ALA B 179 0.54 6.89 -2.96
C ALA B 179 0.03 6.16 -1.69
N HIS B 180 0.30 4.85 -1.57
CA HIS B 180 -0.06 4.07 -0.36
C HIS B 180 0.90 4.25 0.82
N SER B 181 2.07 4.89 0.63
CA SER B 181 3.03 5.06 1.73
C SER B 181 2.42 5.81 2.92
N ASP B 182 2.39 5.16 4.08
CA ASP B 182 1.96 5.83 5.30
C ASP B 182 2.89 6.99 5.67
N ALA B 183 4.20 6.78 5.49
CA ALA B 183 5.23 7.78 5.78
C ALA B 183 5.04 9.05 4.97
N LEU B 184 4.84 8.90 3.66
CA LEU B 184 4.66 10.07 2.77
C LEU B 184 3.33 10.78 2.94
N LYS B 185 2.27 10.05 3.29
CA LYS B 185 0.99 10.66 3.70
C LYS B 185 1.16 11.56 4.95
N VAL B 186 1.89 11.07 5.94
CA VAL B 186 2.23 11.87 7.13
C VAL B 186 3.10 13.09 6.75
N ALA B 187 4.17 12.84 5.98
CA ALA B 187 5.12 13.90 5.58
C ALA B 187 4.48 14.99 4.74
N LYS B 188 3.60 14.60 3.81
CA LYS B 188 2.83 15.55 2.98
C LYS B 188 1.91 16.46 3.81
N GLU B 189 1.28 15.89 4.84
CA GLU B 189 0.44 16.65 5.79
C GLU B 189 1.21 17.74 6.56
N VAL B 190 2.33 17.35 7.17
CA VAL B 190 3.13 18.25 8.04
C VAL B 190 4.18 19.07 7.30
N ASP B 191 4.60 18.61 6.13
CA ASP B 191 5.65 19.24 5.34
C ASP B 191 5.23 19.19 3.84
N PRO B 192 4.14 19.88 3.49
CA PRO B 192 3.62 19.83 2.10
C PRO B 192 4.56 20.29 0.98
N GLN B 193 5.52 21.17 1.28
CA GLN B 193 6.55 21.59 0.32
C GLN B 193 7.75 20.63 0.19
N GLY B 194 7.84 19.61 1.07
CA GLY B 194 8.93 18.64 1.05
C GLY B 194 10.31 19.18 1.39
N GLN B 195 10.38 20.15 2.30
CA GLN B 195 11.62 20.83 2.70
C GLN B 195 12.42 20.14 3.82
N ARG B 196 11.76 19.32 4.64
CA ARG B 196 12.39 18.59 5.75
C ARG B 196 12.07 17.08 5.79
N THR B 197 11.85 16.49 4.62
CA THR B 197 11.55 15.06 4.44
C THR B 197 12.66 14.43 3.61
N ILE B 198 13.28 13.36 4.14
CA ILE B 198 14.30 12.58 3.44
C ILE B 198 13.62 11.25 3.11
N GLY B 199 13.56 10.91 1.82
CA GLY B 199 12.91 9.68 1.34
C GLY B 199 13.83 8.48 1.37
N VAL B 200 13.35 7.36 1.90
CA VAL B 200 14.02 6.05 1.80
C VAL B 200 13.07 5.13 1.06
N ILE B 201 13.58 4.49 0.00
CA ILE B 201 12.83 3.55 -0.83
C ILE B 201 13.44 2.16 -0.58
N THR B 202 12.65 1.26 0.05
CA THR B 202 13.10 -0.11 0.38
C THR B 202 12.53 -1.11 -0.64
N LYS B 203 12.99 -2.35 -0.53
CA LYS B 203 12.42 -3.49 -1.27
C LYS B 203 12.48 -3.37 -2.80
N LEU B 204 13.53 -2.74 -3.28
CA LEU B 204 13.76 -2.55 -4.72
C LEU B 204 14.01 -3.87 -5.46
N ASP B 205 14.58 -4.86 -4.75
CA ASP B 205 14.72 -6.23 -5.29
C ASP B 205 13.42 -7.05 -5.37
N LEU B 206 12.32 -6.60 -4.75
CA LEU B 206 11.03 -7.33 -4.73
C LEU B 206 9.91 -6.66 -5.53
N MET B 207 10.28 -5.89 -6.55
CA MET B 207 9.35 -5.28 -7.48
C MET B 207 8.96 -6.28 -8.56
N ASP B 208 7.87 -5.99 -9.27
CA ASP B 208 7.39 -6.84 -10.37
C ASP B 208 8.38 -6.83 -11.52
N GLU B 209 8.38 -7.93 -12.29
CA GLU B 209 9.27 -8.10 -13.44
C GLU B 209 8.95 -7.05 -14.51
N GLY B 210 10.00 -6.43 -15.05
CA GLY B 210 9.87 -5.33 -16.00
C GLY B 210 9.40 -3.99 -15.44
N THR B 211 9.43 -3.81 -14.11
CA THR B 211 9.13 -2.52 -13.47
C THR B 211 10.34 -2.06 -12.66
N ASP B 212 10.34 -0.78 -12.33
CA ASP B 212 11.41 -0.13 -11.59
C ASP B 212 10.91 1.14 -10.93
N ALA B 213 11.69 1.63 -9.97
CA ALA B 213 11.40 2.87 -9.23
C ALA B 213 12.36 4.00 -9.59
N ARG B 214 12.71 4.10 -10.88
CA ARG B 214 13.69 5.07 -11.37
C ARG B 214 13.18 6.50 -11.24
N ASP B 215 11.93 6.74 -11.67
CA ASP B 215 11.27 8.05 -11.53
C ASP B 215 11.19 8.60 -10.08
N VAL B 216 10.99 7.70 -9.11
CA VAL B 216 10.98 8.06 -7.68
C VAL B 216 12.40 8.41 -7.25
N LEU B 217 13.33 7.48 -7.52
CA LEU B 217 14.76 7.61 -7.15
C LEU B 217 15.50 8.77 -7.82
N GLU B 218 15.05 9.15 -9.01
CA GLU B 218 15.51 10.38 -9.69
C GLU B 218 14.80 11.68 -9.24
N ASN B 219 13.93 11.59 -8.21
CA ASN B 219 13.26 12.74 -7.60
C ASN B 219 12.25 13.47 -8.54
N LYS B 220 11.69 12.72 -9.51
CA LYS B 220 10.78 13.23 -10.54
C LYS B 220 9.29 13.04 -10.20
N LEU B 221 8.92 11.88 -9.65
CA LEU B 221 7.51 11.54 -9.41
C LEU B 221 6.88 12.36 -8.28
N LEU B 222 7.46 12.30 -7.08
CA LEU B 222 7.02 13.08 -5.91
C LEU B 222 8.24 13.80 -5.31
N PRO B 223 8.63 14.97 -5.89
CA PRO B 223 9.85 15.69 -5.48
C PRO B 223 10.00 16.01 -3.98
N LEU B 224 11.21 15.76 -3.46
CA LEU B 224 11.65 16.18 -2.13
C LEU B 224 13.01 16.86 -2.28
N ARG B 225 13.18 18.05 -1.70
CA ARG B 225 14.44 18.82 -1.75
C ARG B 225 15.67 18.00 -1.31
N ARG B 226 15.52 17.27 -0.21
CA ARG B 226 16.61 16.46 0.38
C ARG B 226 16.83 15.06 -0.26
N GLY B 227 15.98 14.67 -1.21
CA GLY B 227 16.20 13.50 -2.06
C GLY B 227 15.66 12.18 -1.53
N TYR B 228 15.69 11.18 -2.42
CA TYR B 228 15.38 9.78 -2.12
C TYR B 228 16.64 8.91 -2.20
N ILE B 229 16.77 7.94 -1.29
CA ILE B 229 17.87 6.96 -1.29
C ILE B 229 17.23 5.57 -1.33
N GLY B 230 17.62 4.76 -2.32
CA GLY B 230 17.19 3.37 -2.44
C GLY B 230 18.02 2.42 -1.60
N VAL B 231 17.38 1.42 -1.00
CA VAL B 231 18.08 0.34 -0.29
C VAL B 231 17.43 -1.02 -0.58
N VAL B 232 18.23 -2.06 -0.32
CA VAL B 232 17.82 -3.46 -0.43
C VAL B 232 18.33 -4.21 0.82
N ASN B 233 17.45 -5.04 1.40
CA ASN B 233 17.79 -5.99 2.46
C ASN B 233 17.85 -7.41 1.87
N ARG B 234 19.04 -7.81 1.45
CA ARG B 234 19.35 -9.19 0.98
C ARG B 234 20.25 -9.89 2.02
N SER B 235 19.66 -10.12 3.19
CA SER B 235 20.34 -10.72 4.36
C SER B 235 20.00 -12.21 4.45
N ASP B 244 24.85 -11.54 9.17
CA ASP B 244 26.02 -11.32 8.30
C ASP B 244 25.86 -10.04 7.47
N ILE B 245 26.16 -8.91 8.10
CA ILE B 245 25.97 -7.59 7.49
C ILE B 245 26.90 -7.30 6.30
N THR B 246 28.16 -7.74 6.41
CA THR B 246 29.16 -7.62 5.32
C THR B 246 28.69 -8.28 4.01
N ALA B 247 28.12 -9.48 4.13
CA ALA B 247 27.51 -10.19 2.98
C ALA B 247 26.25 -9.49 2.44
N ALA B 248 25.42 -8.97 3.35
CA ALA B 248 24.20 -8.21 2.98
C ALA B 248 24.52 -6.91 2.25
N LEU B 249 25.47 -6.15 2.78
CA LEU B 249 25.96 -4.91 2.16
C LEU B 249 26.63 -5.14 0.80
N ALA B 250 27.42 -6.21 0.69
CA ALA B 250 28.03 -6.65 -0.57
C ALA B 250 27.00 -6.98 -1.64
N ALA B 251 26.00 -7.78 -1.26
CA ALA B 251 24.86 -8.12 -2.14
C ALA B 251 24.01 -6.91 -2.59
N GLU B 252 23.86 -5.92 -1.70
CA GLU B 252 23.17 -4.66 -2.03
C GLU B 252 23.95 -3.85 -3.07
N ARG B 253 25.24 -3.66 -2.83
CA ARG B 253 26.14 -2.96 -3.76
C ARG B 253 26.10 -3.60 -5.16
N LYS B 254 26.19 -4.93 -5.20
CA LYS B 254 26.09 -5.72 -6.44
C LYS B 254 24.74 -5.56 -7.16
N PHE B 255 23.64 -5.46 -6.40
CA PHE B 255 22.29 -5.20 -6.97
C PHE B 255 22.22 -3.88 -7.74
N PHE B 256 22.67 -2.78 -7.11
CA PHE B 256 22.59 -1.45 -7.71
C PHE B 256 23.52 -1.28 -8.92
N LEU B 257 24.73 -1.84 -8.84
CA LEU B 257 25.67 -1.88 -9.98
C LEU B 257 25.19 -2.73 -11.16
N SER B 258 24.52 -3.84 -10.89
CA SER B 258 24.02 -4.77 -11.93
C SER B 258 22.74 -4.31 -12.64
N HIS B 259 21.82 -3.69 -11.90
CA HIS B 259 20.47 -3.35 -12.42
C HIS B 259 20.52 -2.18 -13.43
N PRO B 260 20.00 -2.35 -14.67
CA PRO B 260 20.13 -1.33 -15.74
C PRO B 260 19.43 0.02 -15.48
N SER B 261 18.26 -0.03 -14.85
CA SER B 261 17.57 1.17 -14.34
C SER B 261 18.32 1.99 -13.26
N TYR B 262 19.15 1.33 -12.43
CA TYR B 262 19.85 1.96 -11.29
C TYR B 262 21.39 2.07 -11.40
N ARG B 263 22.00 1.60 -12.50
CA ARG B 263 23.48 1.67 -12.72
C ARG B 263 24.05 3.09 -12.52
N HIS B 264 23.45 4.03 -13.25
CA HIS B 264 23.84 5.46 -13.21
C HIS B 264 23.67 6.15 -11.84
N LEU B 265 22.75 5.65 -11.00
CA LEU B 265 22.54 6.15 -9.63
C LEU B 265 23.30 5.41 -8.51
N ALA B 266 24.03 4.34 -8.85
CA ALA B 266 24.52 3.35 -7.87
C ALA B 266 25.29 3.91 -6.67
N ASP B 267 26.11 4.93 -6.92
CA ASP B 267 26.94 5.58 -5.86
C ASP B 267 26.16 6.53 -4.93
N ARG B 268 24.92 6.90 -5.28
CA ARG B 268 23.98 7.57 -4.35
C ARG B 268 22.81 6.66 -3.91
N MET B 269 23.09 5.35 -3.80
CA MET B 269 22.15 4.32 -3.37
C MET B 269 22.83 3.42 -2.34
N GLY B 270 22.01 2.76 -1.53
CA GLY B 270 22.48 1.77 -0.57
C GLY B 270 22.69 2.32 0.83
N THR B 271 22.93 1.39 1.75
CA THR B 271 22.91 1.65 3.18
C THR B 271 24.13 2.47 3.67
N PRO B 272 25.37 2.18 3.17
CA PRO B 272 26.52 3.02 3.53
C PRO B 272 26.36 4.47 3.08
N TYR B 273 25.88 4.68 1.84
CA TYR B 273 25.53 6.00 1.37
C TYR B 273 24.44 6.67 2.20
N LEU B 274 23.37 5.93 2.50
CA LEU B 274 22.26 6.46 3.32
C LEU B 274 22.79 6.95 4.65
N GLN B 275 23.55 6.09 5.32
CA GLN B 275 24.14 6.43 6.62
C GLN B 275 25.05 7.67 6.57
N LYS B 276 25.83 7.77 5.50
CA LYS B 276 26.69 8.95 5.25
C LYS B 276 25.87 10.24 5.07
N VAL B 277 24.88 10.21 4.17
CA VAL B 277 24.08 11.40 3.86
C VAL B 277 23.24 11.89 5.07
N LEU B 278 22.74 10.97 5.90
CA LEU B 278 22.04 11.32 7.14
C LEU B 278 22.94 11.95 8.20
N ASN B 279 24.15 11.41 8.36
CA ASN B 279 25.19 12.06 9.20
C ASN B 279 25.41 13.52 8.76
N GLN B 280 25.60 13.71 7.46
CA GLN B 280 25.85 15.03 6.88
C GLN B 280 24.66 15.97 7.03
N GLN B 281 23.47 15.49 6.68
CA GLN B 281 22.24 16.28 6.81
C GLN B 281 21.85 16.61 8.26
N LEU B 282 22.02 15.67 9.18
CA LEU B 282 21.77 15.94 10.60
C LEU B 282 22.76 16.96 11.18
N THR B 283 24.06 16.78 10.91
CA THR B 283 25.12 17.68 11.40
C THR B 283 24.88 19.12 10.95
N ASN B 284 24.65 19.28 9.64
CA ASN B 284 24.28 20.58 9.04
C ASN B 284 23.01 21.20 9.62
N HIS B 285 22.00 20.35 9.88
CA HIS B 285 20.72 20.74 10.46
C HIS B 285 20.86 21.22 11.92
N ILE B 286 21.65 20.49 12.72
CA ILE B 286 21.96 20.88 14.11
C ILE B 286 22.69 22.25 14.14
N ARG B 287 23.67 22.43 13.25
CA ARG B 287 24.40 23.71 13.14
C ARG B 287 23.45 24.89 12.83
N ASP B 288 22.55 24.70 11.87
CA ASP B 288 21.63 25.77 11.43
C ASP B 288 20.57 26.15 12.48
N THR B 289 20.06 25.17 13.22
CA THR B 289 18.95 25.35 14.18
C THR B 289 19.35 25.60 15.63
N LEU B 290 20.60 25.29 16.01
CA LEU B 290 21.07 25.44 17.41
C LEU B 290 20.93 26.87 18.01
N PRO B 291 21.19 27.94 17.23
CA PRO B 291 20.92 29.31 17.73
C PRO B 291 19.43 29.60 17.96
N GLY B 292 18.58 29.15 17.02
CA GLY B 292 17.13 29.20 17.18
C GLY B 292 16.59 28.39 18.37
N LEU B 293 17.20 27.22 18.60
CA LEU B 293 16.86 26.35 19.74
C LEU B 293 17.19 27.01 21.07
N ARG B 294 18.37 27.64 21.15
CA ARG B 294 18.79 28.43 22.34
C ARG B 294 17.75 29.47 22.73
N ASN B 295 17.30 30.26 21.73
CA ASN B 295 16.26 31.29 21.92
C ASN B 295 14.94 30.72 22.41
N LYS B 296 14.50 29.62 21.78
CA LYS B 296 13.22 28.98 22.15
C LYS B 296 13.26 28.36 23.54
N LEU B 297 14.36 27.65 23.85
CA LEU B 297 14.59 27.10 25.20
C LEU B 297 14.72 28.18 26.28
N GLN B 298 15.34 29.32 25.93
CA GLN B 298 15.44 30.47 26.85
C GLN B 298 14.05 31.06 27.15
N SER B 299 13.22 31.24 26.12
CA SER B 299 11.82 31.67 26.29
C SER B 299 10.98 30.70 27.13
N GLN B 300 11.16 29.40 26.88
CA GLN B 300 10.55 28.33 27.69
C GLN B 300 10.97 28.37 29.16
N LEU B 301 12.26 28.61 29.41
CA LEU B 301 12.79 28.76 30.77
C LEU B 301 12.17 29.95 31.50
N LEU B 302 12.20 31.12 30.86
CA LEU B 302 11.59 32.35 31.44
C LEU B 302 10.10 32.18 31.77
N SER B 303 9.38 31.51 30.87
CA SER B 303 7.97 31.16 31.07
C SER B 303 7.74 30.18 32.24
N ILE B 304 8.49 29.08 32.26
CA ILE B 304 8.39 28.09 33.36
C ILE B 304 8.95 28.59 34.71
N GLU B 305 9.87 29.55 34.68
CA GLU B 305 10.39 30.20 35.89
C GLU B 305 9.33 31.03 36.62
N LYS B 306 8.45 31.72 35.86
CA LYS B 306 7.26 32.37 36.42
C LYS B 306 6.27 31.39 37.05
N GLU B 307 6.08 30.22 36.42
CA GLU B 307 5.26 29.11 36.99
C GLU B 307 5.87 28.52 38.26
N VAL B 308 7.17 28.27 38.20
CA VAL B 308 7.95 27.68 39.30
C VAL B 308 8.25 28.69 40.44
N GLU B 309 8.05 30.01 40.24
CA GLU B 309 8.49 31.09 41.19
C GLU B 309 8.17 30.89 42.69
N GLU B 310 7.04 30.25 42.99
CA GLU B 310 6.77 29.68 44.32
C GLU B 310 7.20 28.21 44.24
N TYR B 311 8.42 27.93 44.71
CA TYR B 311 9.11 26.64 44.43
C TYR B 311 8.53 25.51 45.28
N GLN B 329 -1.72 19.40 42.57
CA GLN B 329 -1.14 18.10 42.89
C GLN B 329 0.39 18.15 42.97
N ALA B 330 0.96 17.32 43.86
CA ALA B 330 2.39 17.27 44.12
C ALA B 330 3.21 16.74 42.94
N GLN B 331 2.73 15.66 42.33
CA GLN B 331 3.34 15.07 41.12
C GLN B 331 3.37 16.03 39.91
N ARG B 332 2.33 16.85 39.77
CA ARG B 332 2.29 17.92 38.75
C ARG B 332 3.31 19.03 39.03
N ARG B 333 3.45 19.43 40.30
CA ARG B 333 4.51 20.38 40.73
C ARG B 333 5.94 19.84 40.53
N ASP B 334 6.14 18.54 40.77
CA ASP B 334 7.42 17.86 40.52
C ASP B 334 7.83 17.90 39.04
N GLU B 335 6.87 17.64 38.14
CA GLU B 335 7.10 17.73 36.67
C GLU B 335 7.54 19.11 36.19
N MET B 336 6.92 20.16 36.74
CA MET B 336 7.29 21.55 36.41
C MET B 336 8.74 21.88 36.84
N LEU B 337 9.12 21.45 38.05
CA LEU B 337 10.48 21.62 38.58
C LEU B 337 11.53 20.81 37.79
N ARG B 338 11.19 19.57 37.43
CA ARG B 338 12.02 18.74 36.53
C ARG B 338 12.30 19.42 35.19
N MET B 339 11.24 19.97 34.59
CA MET B 339 11.34 20.69 33.31
C MET B 339 12.18 21.96 33.42
N TYR B 340 11.97 22.73 34.50
CA TYR B 340 12.81 23.91 34.81
C TYR B 340 14.31 23.58 34.82
N HIS B 341 14.66 22.53 35.58
CA HIS B 341 16.06 22.10 35.72
C HIS B 341 16.67 21.53 34.43
N ALA B 342 15.88 20.76 33.68
CA ALA B 342 16.29 20.24 32.36
C ALA B 342 16.59 21.35 31.34
N LEU B 343 15.74 22.39 31.33
CA LEU B 343 15.96 23.57 30.46
C LEU B 343 17.27 24.31 30.79
N LYS B 344 17.53 24.53 32.08
CA LYS B 344 18.80 25.13 32.56
C LYS B 344 20.02 24.29 32.14
N GLU B 345 19.93 22.98 32.41
CA GLU B 345 20.93 21.98 31.98
C GLU B 345 21.17 22.01 30.48
N ALA B 346 20.09 22.07 29.70
CA ALA B 346 20.16 22.10 28.22
C ALA B 346 20.80 23.38 27.68
N LEU B 347 20.39 24.54 28.21
CA LEU B 347 20.99 25.83 27.84
C LEU B 347 22.50 25.93 28.13
N SER B 348 22.91 25.35 29.26
CA SER B 348 24.32 25.16 29.65
C SER B 348 25.11 24.27 28.66
N ILE B 349 24.48 23.21 28.14
CA ILE B 349 25.06 22.32 27.12
C ILE B 349 25.27 23.06 25.79
N ILE B 350 24.28 23.86 25.38
CA ILE B 350 24.36 24.64 24.13
C ILE B 350 25.41 25.75 24.23
N GLY B 351 25.40 26.50 25.34
CA GLY B 351 26.37 27.58 25.58
C GLY B 351 26.10 28.79 24.71
N ASP B 352 27.18 29.43 24.22
CA ASP B 352 27.11 30.65 23.41
C ASP B 352 27.97 30.53 22.15
#